data_1HAN
#
_entry.id   1HAN
#
_cell.length_a   122.580
_cell.length_b   122.580
_cell.length_c   111.360
_cell.angle_alpha   90.00
_cell.angle_beta   90.00
_cell.angle_gamma   90.00
#
_symmetry.space_group_name_H-M   'I 4 2 2'
#
loop_
_entity.id
_entity.type
_entity.pdbx_description
1 polymer '2,3-DIHYDROXYBIPHENYL 1,2-DIOXYGENASE'
2 non-polymer 'FE (III) ION'
3 non-polymer 'TERTIARY-BUTYL ALCOHOL'
4 water water
#
_entity_poly.entity_id   1
_entity_poly.type   'polypeptide(L)'
_entity_poly.pdbx_seq_one_letter_code
;SIRSLGYMGFAVSDVAAWRSFLTQKLGLMEAGTTDNGDLFRIDSRAWRIAVQQGEVDDLAFAGYEVADAAGLAQMADKLK
QAGIAVTTGDASLARRRGVTGLITFADPFGLPLEIYYGASEVFEKPFLPGAAVSGFLTGEQGLGHFVRCVPDSDKALAFY
TDVLGFQLSDVIDMKMGPDVTVPAYFLHCNERHHTLAIAAFPLPKRIHHFMLEVASLDDVGFAFDRVDADGLITSTLGRH
TNDHMVSFYASTPSGVEVEYGWSARTVDRSWVVVRHDSPSMWGHKSVRDKAAARNKA
;
_entity_poly.pdbx_strand_id   A
#
# COMPACT_ATOMS: atom_id res chain seq x y z
N SER A 1 8.85 11.58 12.23
CA SER A 1 7.44 11.47 11.78
C SER A 1 7.38 10.82 10.40
N ILE A 2 6.47 9.86 10.25
CA ILE A 2 6.33 9.16 8.99
C ILE A 2 5.81 10.10 7.92
N ARG A 3 6.47 10.09 6.78
CA ARG A 3 6.08 10.95 5.68
C ARG A 3 5.22 10.23 4.64
N SER A 4 5.42 8.93 4.45
CA SER A 4 4.64 8.17 3.47
C SER A 4 4.97 6.69 3.49
N LEU A 5 4.18 5.92 2.73
CA LEU A 5 4.44 4.50 2.53
C LEU A 5 5.48 4.52 1.40
N GLY A 6 6.64 3.93 1.64
CA GLY A 6 7.71 3.94 0.65
C GLY A 6 7.87 2.71 -0.22
N TYR A 7 7.76 1.52 0.37
CA TYR A 7 7.89 0.28 -0.38
C TYR A 7 7.11 -0.87 0.24
N MET A 8 6.91 -1.93 -0.53
CA MET A 8 6.18 -3.11 -0.05
C MET A 8 6.88 -4.34 -0.60
N GLY A 9 6.83 -5.43 0.17
CA GLY A 9 7.42 -6.68 -0.29
C GLY A 9 6.37 -7.77 -0.15
N PHE A 10 6.26 -8.63 -1.16
CA PHE A 10 5.32 -9.74 -1.18
C PHE A 10 6.09 -11.07 -1.21
N ALA A 11 5.57 -12.08 -0.51
CA ALA A 11 6.21 -13.39 -0.47
C ALA A 11 5.17 -14.26 -1.14
N VAL A 12 5.48 -14.72 -2.35
CA VAL A 12 4.52 -15.47 -3.14
C VAL A 12 4.98 -16.85 -3.60
N SER A 13 4.00 -17.69 -3.90
CA SER A 13 4.30 -19.04 -4.34
C SER A 13 4.66 -19.10 -5.83
N ASP A 14 4.17 -18.14 -6.61
CA ASP A 14 4.45 -18.12 -8.04
C ASP A 14 5.04 -16.78 -8.46
N VAL A 15 6.36 -16.68 -8.42
CA VAL A 15 7.06 -15.45 -8.78
C VAL A 15 6.93 -15.05 -10.25
N ALA A 16 6.87 -16.03 -11.13
CA ALA A 16 6.77 -15.75 -12.55
C ALA A 16 5.41 -15.15 -12.88
N ALA A 17 4.34 -15.67 -12.25
CA ALA A 17 3.00 -15.16 -12.47
C ALA A 17 2.94 -13.71 -12.02
N TRP A 18 3.56 -13.43 -10.89
CA TRP A 18 3.60 -12.09 -10.36
C TRP A 18 4.36 -11.15 -11.27
N ARG A 19 5.48 -11.61 -11.80
CA ARG A 19 6.28 -10.78 -12.69
C ARG A 19 5.46 -10.36 -13.90
N SER A 20 4.81 -11.33 -14.53
CA SER A 20 3.97 -11.08 -15.70
C SER A 20 2.77 -10.16 -15.41
N PHE A 21 2.12 -10.39 -14.27
CA PHE A 21 0.97 -9.60 -13.85
C PHE A 21 1.36 -8.13 -13.63
N LEU A 22 2.41 -7.91 -12.86
CA LEU A 22 2.85 -6.56 -12.56
C LEU A 22 3.31 -5.76 -13.79
N THR A 23 4.07 -6.38 -14.68
CA THR A 23 4.57 -5.67 -15.85
C THR A 23 3.59 -5.58 -17.02
N GLN A 24 3.04 -6.71 -17.44
CA GLN A 24 2.14 -6.73 -18.58
C GLN A 24 0.72 -6.25 -18.34
N LYS A 25 0.19 -6.49 -17.14
CA LYS A 25 -1.18 -6.04 -16.86
C LYS A 25 -1.21 -4.64 -16.24
N LEU A 26 -0.43 -4.44 -15.18
CA LEU A 26 -0.41 -3.16 -14.48
C LEU A 26 0.58 -2.14 -15.04
N GLY A 27 1.56 -2.60 -15.80
CA GLY A 27 2.51 -1.68 -16.40
C GLY A 27 3.70 -1.23 -15.58
N LEU A 28 4.05 -1.98 -14.53
CA LEU A 28 5.20 -1.61 -13.72
C LEU A 28 6.45 -1.94 -14.51
N MET A 29 7.57 -1.37 -14.11
CA MET A 29 8.84 -1.58 -14.77
C MET A 29 9.66 -2.61 -14.02
N GLU A 30 10.14 -3.63 -14.74
CA GLU A 30 10.97 -4.68 -14.15
C GLU A 30 12.32 -4.03 -13.84
N ALA A 31 12.77 -4.12 -12.59
CA ALA A 31 14.03 -3.48 -12.19
C ALA A 31 15.16 -4.40 -11.79
N GLY A 32 15.10 -5.65 -12.19
CA GLY A 32 16.18 -6.56 -11.84
C GLY A 32 15.89 -7.43 -10.64
N THR A 33 16.76 -8.39 -10.39
CA THR A 33 16.60 -9.30 -9.28
C THR A 33 17.83 -9.19 -8.39
N THR A 34 17.59 -9.06 -7.10
CA THR A 34 18.68 -8.95 -6.15
C THR A 34 18.37 -9.87 -4.99
N ASP A 35 19.13 -9.77 -3.90
CA ASP A 35 18.88 -10.59 -2.71
C ASP A 35 17.63 -10.03 -2.02
N ASN A 36 17.12 -8.91 -2.53
CA ASN A 36 15.90 -8.30 -2.03
C ASN A 36 14.70 -8.88 -2.81
N GLY A 37 15.00 -9.66 -3.85
CA GLY A 37 13.97 -10.29 -4.68
C GLY A 37 13.85 -9.64 -6.05
N ASP A 38 12.76 -9.97 -6.77
CA ASP A 38 12.49 -9.37 -8.08
C ASP A 38 11.99 -7.98 -7.73
N LEU A 39 12.61 -6.97 -8.33
CA LEU A 39 12.27 -5.57 -8.05
C LEU A 39 11.46 -4.91 -9.14
N PHE A 40 10.52 -4.06 -8.74
CA PHE A 40 9.65 -3.38 -9.69
C PHE A 40 9.59 -1.89 -9.35
N ARG A 41 9.57 -1.07 -10.40
CA ARG A 41 9.53 0.39 -10.25
C ARG A 41 8.26 1.01 -10.84
N ILE A 42 7.91 2.20 -10.34
CA ILE A 42 6.78 2.96 -10.84
C ILE A 42 7.19 4.43 -10.95
N ASP A 43 8.40 4.73 -10.52
CA ASP A 43 8.92 6.10 -10.57
C ASP A 43 10.46 6.14 -10.51
N SER A 44 11.02 7.24 -10.00
CA SER A 44 12.47 7.39 -9.95
C SER A 44 13.19 6.52 -8.93
N ARG A 45 12.47 6.04 -7.92
CA ARG A 45 13.09 5.19 -6.91
C ARG A 45 13.59 3.88 -7.52
N ALA A 46 14.68 3.37 -6.97
CA ALA A 46 15.28 2.11 -7.43
C ALA A 46 14.28 0.94 -7.45
N TRP A 47 13.31 0.95 -6.53
CA TRP A 47 12.26 -0.07 -6.50
C TRP A 47 11.20 0.40 -5.52
N ARG A 48 9.97 -0.07 -5.71
CA ARG A 48 8.87 0.26 -4.81
C ARG A 48 8.21 -1.03 -4.33
N ILE A 49 8.23 -2.05 -5.18
CA ILE A 49 7.66 -3.34 -4.86
C ILE A 49 8.69 -4.45 -5.08
N ALA A 50 8.83 -5.33 -4.10
CA ALA A 50 9.74 -6.49 -4.17
C ALA A 50 8.90 -7.77 -4.11
N VAL A 51 9.22 -8.74 -4.94
CA VAL A 51 8.50 -10.01 -4.96
C VAL A 51 9.52 -11.10 -4.63
N GLN A 52 9.27 -11.84 -3.56
CA GLN A 52 10.17 -12.90 -3.12
C GLN A 52 9.40 -14.22 -3.09
N GLN A 53 10.10 -15.34 -3.23
CA GLN A 53 9.44 -16.64 -3.19
C GLN A 53 9.11 -16.88 -1.73
N GLY A 54 7.89 -17.32 -1.48
CA GLY A 54 7.48 -17.57 -0.11
C GLY A 54 6.17 -18.32 -0.09
N GLU A 55 5.86 -18.91 1.05
CA GLU A 55 4.64 -19.70 1.20
C GLU A 55 3.38 -18.94 1.59
N VAL A 56 3.52 -17.78 2.23
CA VAL A 56 2.33 -17.05 2.66
C VAL A 56 1.43 -16.49 1.58
N ASP A 57 1.98 -16.18 0.41
CA ASP A 57 1.22 -15.59 -0.69
C ASP A 57 0.48 -14.37 -0.14
N ASP A 58 1.26 -13.41 0.37
CA ASP A 58 0.67 -12.25 1.00
C ASP A 58 1.75 -11.17 1.15
N LEU A 59 1.36 -10.04 1.72
CA LEU A 59 2.27 -8.94 2.00
C LEU A 59 3.24 -9.45 3.06
N ALA A 60 4.53 -9.36 2.75
CA ALA A 60 5.57 -9.82 3.66
C ALA A 60 6.11 -8.72 4.58
N PHE A 61 6.18 -7.49 4.07
CA PHE A 61 6.66 -6.35 4.87
C PHE A 61 6.30 -5.07 4.14
N ALA A 62 6.26 -3.96 4.88
CA ALA A 62 5.96 -2.64 4.32
C ALA A 62 6.96 -1.67 4.94
N GLY A 63 7.44 -0.71 4.16
CA GLY A 63 8.40 0.23 4.68
C GLY A 63 7.84 1.63 4.67
N TYR A 64 7.90 2.31 5.80
CA TYR A 64 7.43 3.68 5.94
C TYR A 64 8.64 4.59 5.91
N GLU A 65 8.51 5.69 5.20
CA GLU A 65 9.60 6.61 5.00
C GLU A 65 9.56 7.84 5.89
N VAL A 66 10.71 8.17 6.48
CA VAL A 66 10.84 9.40 7.28
C VAL A 66 11.78 10.28 6.48
N ALA A 67 11.80 11.57 6.78
CA ALA A 67 12.61 12.52 6.04
C ALA A 67 14.11 12.40 6.19
N ASP A 68 14.57 12.01 7.38
CA ASP A 68 16.01 11.96 7.65
C ASP A 68 16.34 11.13 8.87
N ALA A 69 17.61 11.17 9.25
CA ALA A 69 18.13 10.42 10.38
C ALA A 69 17.50 10.85 11.71
N ALA A 70 17.19 12.14 11.83
CA ALA A 70 16.56 12.64 13.05
C ALA A 70 15.16 12.03 13.16
N GLY A 71 14.45 12.00 12.03
CA GLY A 71 13.13 11.42 12.00
C GLY A 71 13.17 9.96 12.38
N LEU A 72 14.19 9.24 11.93
CA LEU A 72 14.32 7.83 12.26
C LEU A 72 14.51 7.67 13.76
N ALA A 73 15.38 8.50 14.33
CA ALA A 73 15.66 8.48 15.76
C ALA A 73 14.39 8.73 16.57
N GLN A 74 13.60 9.73 16.16
CA GLN A 74 12.33 10.05 16.83
C GLN A 74 11.43 8.83 16.91
N MET A 75 11.18 8.22 15.74
CA MET A 75 10.30 7.06 15.68
C MET A 75 10.80 5.87 16.51
N ALA A 76 12.10 5.60 16.46
CA ALA A 76 12.66 4.51 17.23
C ALA A 76 12.36 4.76 18.70
N ASP A 77 12.54 6.02 19.11
CA ASP A 77 12.31 6.42 20.48
C ASP A 77 10.84 6.26 20.86
N LYS A 78 9.97 6.70 19.97
CA LYS A 78 8.53 6.62 20.19
C LYS A 78 8.08 5.16 20.36
N LEU A 79 8.64 4.25 19.56
CA LEU A 79 8.28 2.85 19.63
C LEU A 79 8.79 2.22 20.92
N LYS A 80 10.01 2.60 21.32
CA LYS A 80 10.60 2.08 22.55
C LYS A 80 9.78 2.53 23.76
N GLN A 81 9.43 3.80 23.81
CA GLN A 81 8.64 4.32 24.92
C GLN A 81 7.26 3.66 25.00
N ALA A 82 6.85 3.00 23.91
CA ALA A 82 5.56 2.32 23.87
C ALA A 82 5.71 0.83 24.20
N GLY A 83 6.94 0.41 24.42
CA GLY A 83 7.20 -0.98 24.73
C GLY A 83 7.25 -1.90 23.53
N ILE A 84 7.50 -1.36 22.35
CA ILE A 84 7.57 -2.18 21.14
C ILE A 84 9.02 -2.62 20.89
N ALA A 85 9.20 -3.89 20.56
CA ALA A 85 10.52 -4.41 20.29
C ALA A 85 11.01 -3.87 18.94
N VAL A 86 12.00 -3.00 18.97
CA VAL A 86 12.56 -2.40 17.75
C VAL A 86 13.97 -2.92 17.54
N THR A 87 14.31 -3.20 16.29
CA THR A 87 15.64 -3.68 15.96
C THR A 87 16.23 -2.70 14.97
N THR A 88 17.44 -2.22 15.24
CA THR A 88 18.09 -1.32 14.31
C THR A 88 18.60 -2.19 13.17
N GLY A 89 18.06 -1.98 11.98
CA GLY A 89 18.48 -2.76 10.84
C GLY A 89 19.98 -2.73 10.65
N ASP A 90 20.57 -3.88 10.38
CA ASP A 90 22.01 -3.94 10.20
C ASP A 90 22.38 -3.47 8.79
N ALA A 91 23.64 -3.14 8.60
CA ALA A 91 24.15 -2.67 7.32
C ALA A 91 23.73 -3.60 6.19
N SER A 92 23.74 -4.90 6.45
CA SER A 92 23.36 -5.87 5.43
C SER A 92 21.92 -5.67 4.99
N LEU A 93 21.02 -5.47 5.95
CA LEU A 93 19.62 -5.27 5.63
C LEU A 93 19.44 -3.93 4.91
N ALA A 94 20.10 -2.89 5.42
CA ALA A 94 20.04 -1.57 4.79
C ALA A 94 20.48 -1.64 3.34
N ARG A 95 21.52 -2.43 3.08
CA ARG A 95 22.04 -2.59 1.73
C ARG A 95 21.06 -3.35 0.85
N ARG A 96 20.45 -4.39 1.41
CA ARG A 96 19.49 -5.18 0.64
C ARG A 96 18.30 -4.30 0.22
N ARG A 97 17.86 -3.39 1.10
CA ARG A 97 16.73 -2.52 0.81
C ARG A 97 17.14 -1.31 0.00
N GLY A 98 18.44 -1.02 -0.03
CA GLY A 98 18.92 0.15 -0.76
C GLY A 98 18.62 1.44 0.00
N VAL A 99 18.60 1.37 1.33
CA VAL A 99 18.32 2.56 2.14
C VAL A 99 19.52 2.94 3.00
N THR A 100 19.47 4.14 3.58
CA THR A 100 20.56 4.63 4.40
C THR A 100 20.53 4.09 5.84
N GLY A 101 19.34 4.08 6.44
CA GLY A 101 19.19 3.57 7.79
C GLY A 101 17.76 3.10 7.97
N LEU A 102 17.56 2.07 8.79
CA LEU A 102 16.21 1.58 9.02
C LEU A 102 16.10 0.83 10.33
N ILE A 103 14.87 0.75 10.84
CA ILE A 103 14.54 0.01 12.05
C ILE A 103 13.39 -0.92 11.66
N THR A 104 13.37 -2.09 12.29
CA THR A 104 12.37 -3.09 12.02
C THR A 104 11.60 -3.44 13.30
N PHE A 105 10.35 -3.83 13.11
CA PHE A 105 9.46 -4.19 14.22
C PHE A 105 8.20 -4.79 13.57
N ALA A 106 7.16 -5.05 14.34
CA ALA A 106 5.96 -5.65 13.79
C ALA A 106 4.74 -4.95 14.36
N ASP A 107 3.63 -5.00 13.64
CA ASP A 107 2.43 -4.39 14.18
C ASP A 107 1.86 -5.38 15.21
N PRO A 108 0.86 -4.97 16.02
CA PRO A 108 0.28 -5.84 17.04
C PRO A 108 -0.16 -7.22 16.61
N PHE A 109 -0.33 -7.42 15.32
CA PHE A 109 -0.79 -8.70 14.84
C PHE A 109 0.18 -9.44 13.93
N GLY A 110 1.47 -9.10 14.04
CA GLY A 110 2.48 -9.80 13.28
C GLY A 110 2.93 -9.36 11.90
N LEU A 111 2.49 -8.21 11.42
CA LEU A 111 2.95 -7.77 10.11
C LEU A 111 4.29 -7.06 10.30
N PRO A 112 5.35 -7.55 9.64
CA PRO A 112 6.67 -6.94 9.75
C PRO A 112 6.63 -5.55 9.10
N LEU A 113 7.09 -4.55 9.83
CA LEU A 113 7.12 -3.18 9.36
C LEU A 113 8.53 -2.66 9.46
N GLU A 114 8.87 -1.70 8.60
CA GLU A 114 10.20 -1.09 8.60
C GLU A 114 10.01 0.40 8.41
N ILE A 115 10.80 1.19 9.13
CA ILE A 115 10.77 2.65 9.01
C ILE A 115 12.20 2.97 8.58
N TYR A 116 12.35 3.72 7.50
CA TYR A 116 13.67 4.00 6.97
C TYR A 116 13.78 5.41 6.45
N TYR A 117 15.00 5.80 6.10
CA TYR A 117 15.24 7.08 5.46
C TYR A 117 16.38 6.86 4.46
N GLY A 118 16.47 7.77 3.49
CA GLY A 118 17.53 7.73 2.49
C GLY A 118 17.50 6.60 1.49
N ALA A 119 16.35 6.41 0.82
CA ALA A 119 16.21 5.38 -0.19
C ALA A 119 16.99 5.83 -1.43
N SER A 120 17.17 4.91 -2.36
CA SER A 120 17.92 5.16 -3.58
C SER A 120 17.10 5.63 -4.77
N GLU A 121 17.61 6.67 -5.45
CA GLU A 121 16.98 7.22 -6.65
C GLU A 121 17.80 6.71 -7.83
N VAL A 122 17.16 6.54 -8.98
CA VAL A 122 17.85 6.11 -10.20
C VAL A 122 17.38 6.93 -11.41
N PHE A 123 17.56 8.25 -11.32
CA PHE A 123 17.20 9.16 -12.39
C PHE A 123 17.98 8.83 -13.68
N GLU A 124 19.15 8.22 -13.53
CA GLU A 124 19.98 7.85 -14.69
C GLU A 124 19.42 6.66 -15.44
N LYS A 125 18.41 5.98 -14.88
CA LYS A 125 17.75 4.86 -15.55
C LYS A 125 16.29 5.28 -15.60
N PRO A 126 15.93 6.13 -16.56
CA PRO A 126 14.57 6.63 -16.70
C PRO A 126 13.48 5.56 -16.74
N PHE A 127 12.42 5.80 -15.98
CA PHE A 127 11.29 4.89 -15.89
C PHE A 127 10.64 4.63 -17.24
N LEU A 128 10.48 3.36 -17.58
CA LEU A 128 9.82 2.97 -18.82
C LEU A 128 8.83 1.88 -18.40
N PRO A 129 7.51 2.16 -18.46
CA PRO A 129 6.53 1.14 -18.05
C PRO A 129 6.48 -0.11 -18.90
N GLY A 130 6.05 -1.20 -18.28
CA GLY A 130 5.96 -2.47 -18.96
C GLY A 130 4.75 -2.57 -19.86
N ALA A 131 3.85 -1.60 -19.75
CA ALA A 131 2.63 -1.55 -20.57
C ALA A 131 2.35 -0.08 -20.73
N ALA A 132 1.45 0.28 -21.64
CA ALA A 132 1.13 1.69 -21.87
C ALA A 132 0.42 2.35 -20.69
N VAL A 133 1.20 3.07 -19.89
CA VAL A 133 0.69 3.80 -18.72
C VAL A 133 1.37 5.17 -18.78
N SER A 134 0.58 6.23 -18.77
CA SER A 134 1.11 7.59 -18.84
C SER A 134 1.96 7.96 -17.61
N GLY A 135 1.65 7.36 -16.47
CA GLY A 135 2.41 7.63 -15.27
C GLY A 135 1.70 7.24 -13.99
N PHE A 136 2.48 7.10 -12.92
CA PHE A 136 1.94 6.75 -11.60
C PHE A 136 2.08 7.97 -10.71
N LEU A 137 1.15 8.14 -9.80
CA LEU A 137 1.20 9.27 -8.87
C LEU A 137 1.85 8.87 -7.58
N THR A 138 3.04 9.39 -7.31
CA THR A 138 3.72 9.08 -6.06
C THR A 138 4.15 10.40 -5.39
N GLY A 139 5.42 10.78 -5.55
CA GLY A 139 5.88 12.03 -4.97
C GLY A 139 5.66 12.09 -3.48
N GLU A 140 5.17 13.21 -2.99
CA GLU A 140 4.94 13.38 -1.54
C GLU A 140 3.83 12.48 -1.01
N GLN A 141 3.04 11.88 -1.90
CA GLN A 141 1.96 10.99 -1.49
C GLN A 141 2.42 9.53 -1.32
N GLY A 142 3.69 9.27 -1.64
CA GLY A 142 4.21 7.93 -1.49
C GLY A 142 3.70 6.92 -2.49
N LEU A 143 3.90 5.66 -2.15
CA LEU A 143 3.51 4.54 -3.00
C LEU A 143 2.03 4.39 -3.32
N GLY A 144 1.18 4.52 -2.30
CA GLY A 144 -0.24 4.36 -2.48
C GLY A 144 -0.80 4.00 -1.12
N HIS A 145 -1.67 2.99 -1.04
CA HIS A 145 -2.20 2.59 0.26
C HIS A 145 -2.59 1.11 0.30
N PHE A 146 -2.87 0.60 1.48
CA PHE A 146 -3.34 -0.78 1.62
C PHE A 146 -4.25 -0.84 2.83
N VAL A 147 -5.15 -1.80 2.79
CA VAL A 147 -6.11 -2.01 3.86
C VAL A 147 -5.67 -3.23 4.65
N ARG A 148 -5.35 -2.99 5.92
CA ARG A 148 -4.87 -4.01 6.86
C ARG A 148 -6.06 -4.66 7.56
N CYS A 149 -6.19 -5.97 7.41
CA CYS A 149 -7.25 -6.73 8.07
C CYS A 149 -6.72 -7.08 9.45
N VAL A 150 -7.55 -6.87 10.47
CA VAL A 150 -7.15 -7.13 11.85
C VAL A 150 -8.27 -7.79 12.66
N PRO A 151 -7.91 -8.52 13.72
CA PRO A 151 -8.95 -9.16 14.54
C PRO A 151 -9.56 -8.16 15.54
N ASP A 152 -8.83 -7.10 15.87
CA ASP A 152 -9.27 -6.08 16.82
C ASP A 152 -8.89 -4.69 16.32
N SER A 153 -9.88 -3.97 15.82
CA SER A 153 -9.69 -2.64 15.27
C SER A 153 -9.26 -1.58 16.27
N ASP A 154 -9.73 -1.67 17.50
CA ASP A 154 -9.37 -0.65 18.49
C ASP A 154 -7.93 -0.79 18.90
N LYS A 155 -7.46 -2.02 19.00
CA LYS A 155 -6.07 -2.27 19.35
C LYS A 155 -5.19 -1.79 18.19
N ALA A 156 -5.62 -2.09 16.97
CA ALA A 156 -4.89 -1.67 15.78
C ALA A 156 -4.87 -0.14 15.67
N LEU A 157 -6.01 0.49 15.92
CA LEU A 157 -6.11 1.94 15.86
C LEU A 157 -5.16 2.64 16.82
N ALA A 158 -5.12 2.16 18.07
CA ALA A 158 -4.26 2.73 19.10
C ALA A 158 -2.78 2.69 18.69
N PHE A 159 -2.36 1.58 18.13
CA PHE A 159 -0.97 1.43 17.68
C PHE A 159 -0.65 2.36 16.51
N TYR A 160 -1.46 2.32 15.44
CA TYR A 160 -1.19 3.15 14.28
C TYR A 160 -1.35 4.66 14.47
N THR A 161 -2.25 5.09 15.35
CA THR A 161 -2.39 6.53 15.57
C THR A 161 -1.54 7.03 16.73
N ASP A 162 -1.68 6.39 17.89
CA ASP A 162 -0.92 6.81 19.07
C ASP A 162 0.57 6.54 18.97
N VAL A 163 0.96 5.40 18.43
CA VAL A 163 2.39 5.12 18.31
C VAL A 163 2.98 5.57 16.97
N LEU A 164 2.41 5.13 15.85
CA LEU A 164 2.96 5.51 14.55
C LEU A 164 2.61 6.91 14.04
N GLY A 165 1.63 7.56 14.66
CA GLY A 165 1.25 8.91 14.28
C GLY A 165 0.30 9.15 13.12
N PHE A 166 -0.35 8.12 12.61
CA PHE A 166 -1.29 8.30 11.51
C PHE A 166 -2.49 9.07 12.05
N GLN A 167 -3.14 9.84 11.19
CA GLN A 167 -4.32 10.62 11.58
C GLN A 167 -5.55 10.08 10.87
N LEU A 168 -6.69 10.10 11.54
CA LEU A 168 -7.93 9.61 10.95
C LEU A 168 -8.50 10.55 9.90
N SER A 169 -8.88 9.99 8.76
CA SER A 169 -9.50 10.77 7.69
C SER A 169 -11.00 10.61 7.85
N ASP A 170 -11.47 9.37 7.81
CA ASP A 170 -12.89 9.09 7.93
C ASP A 170 -13.16 7.62 8.22
N VAL A 171 -14.43 7.28 8.39
CA VAL A 171 -14.85 5.92 8.68
C VAL A 171 -16.00 5.54 7.77
N ILE A 172 -16.00 4.29 7.33
CA ILE A 172 -17.08 3.77 6.51
C ILE A 172 -17.65 2.56 7.27
N ASP A 173 -18.94 2.60 7.57
CA ASP A 173 -19.61 1.49 8.25
C ASP A 173 -20.04 0.47 7.20
N MET A 174 -19.21 -0.54 7.04
CA MET A 174 -19.42 -1.60 6.06
C MET A 174 -20.46 -2.59 6.53
N LYS A 175 -21.62 -2.59 5.89
CA LYS A 175 -22.68 -3.53 6.23
C LYS A 175 -22.33 -4.82 5.53
N MET A 176 -21.88 -5.81 6.29
CA MET A 176 -21.51 -7.08 5.69
C MET A 176 -22.58 -8.11 6.00
N GLY A 177 -23.83 -7.69 5.93
CA GLY A 177 -24.91 -8.60 6.19
C GLY A 177 -25.85 -7.92 7.16
N PRO A 178 -27.01 -8.55 7.45
CA PRO A 178 -28.02 -8.02 8.36
C PRO A 178 -27.55 -7.88 9.80
N ASP A 179 -26.83 -8.91 10.26
CA ASP A 179 -26.33 -8.98 11.63
C ASP A 179 -24.89 -8.50 11.80
N VAL A 180 -24.27 -8.03 10.72
CA VAL A 180 -22.88 -7.58 10.80
C VAL A 180 -22.54 -6.26 10.12
N THR A 181 -22.02 -5.34 10.91
CA THR A 181 -21.58 -4.05 10.41
C THR A 181 -20.20 -3.84 10.97
N VAL A 182 -19.25 -3.62 10.09
CA VAL A 182 -17.86 -3.46 10.44
C VAL A 182 -17.33 -2.10 10.00
N PRO A 183 -16.82 -1.30 10.96
CA PRO A 183 -16.28 0.02 10.60
C PRO A 183 -14.88 -0.12 10.00
N ALA A 184 -14.62 0.58 8.90
CA ALA A 184 -13.33 0.58 8.27
C ALA A 184 -12.80 1.98 8.57
N TYR A 185 -11.58 2.05 9.10
CA TYR A 185 -10.98 3.32 9.45
C TYR A 185 -9.90 3.68 8.44
N PHE A 186 -9.98 4.89 7.88
CA PHE A 186 -9.01 5.36 6.88
C PHE A 186 -8.11 6.40 7.50
N LEU A 187 -6.80 6.17 7.41
CA LEU A 187 -5.79 7.04 8.02
C LEU A 187 -4.78 7.65 7.04
N HIS A 188 -4.35 8.87 7.34
CA HIS A 188 -3.39 9.54 6.47
C HIS A 188 -2.18 9.98 7.24
N CYS A 189 -1.07 10.14 6.51
CA CYS A 189 0.17 10.61 7.09
C CYS A 189 0.75 11.70 6.17
N ASN A 190 -0.02 12.09 5.16
CA ASN A 190 0.37 13.13 4.21
C ASN A 190 -0.91 13.50 3.46
N GLU A 191 -0.79 14.16 2.31
CA GLU A 191 -1.97 14.60 1.52
C GLU A 191 -2.85 13.49 0.97
N ARG A 192 -2.27 12.33 0.69
CA ARG A 192 -3.05 11.23 0.15
C ARG A 192 -4.18 10.93 1.16
N HIS A 193 -5.42 10.85 0.67
CA HIS A 193 -6.58 10.61 1.54
C HIS A 193 -6.28 9.55 2.61
N HIS A 194 -5.75 8.40 2.17
CA HIS A 194 -5.34 7.42 3.14
C HIS A 194 -4.18 6.63 2.61
N THR A 195 -3.23 6.38 3.50
CA THR A 195 -2.06 5.57 3.21
C THR A 195 -2.29 4.20 3.87
N LEU A 196 -3.18 4.17 4.86
CA LEU A 196 -3.51 2.94 5.57
C LEU A 196 -4.97 2.96 5.99
N ALA A 197 -5.63 1.81 5.88
CA ALA A 197 -7.01 1.67 6.34
C ALA A 197 -6.99 0.39 7.23
N ILE A 198 -7.85 0.36 8.24
CA ILE A 198 -7.90 -0.76 9.18
C ILE A 198 -9.34 -1.24 9.28
N ALA A 199 -9.55 -2.55 9.21
CA ALA A 199 -10.90 -3.08 9.29
C ALA A 199 -10.83 -4.52 9.80
N ALA A 200 -11.81 -4.91 10.60
CA ALA A 200 -11.86 -6.27 11.11
C ALA A 200 -12.61 -7.18 10.13
N PHE A 201 -12.07 -7.35 8.92
CA PHE A 201 -12.70 -8.20 7.91
C PHE A 201 -12.19 -9.61 8.08
N PRO A 202 -13.07 -10.60 7.95
CA PRO A 202 -12.66 -12.01 8.10
C PRO A 202 -12.04 -12.56 6.82
N LEU A 203 -10.85 -12.06 6.49
CA LEU A 203 -10.17 -12.51 5.28
C LEU A 203 -8.99 -13.39 5.61
N PRO A 204 -8.61 -14.27 4.68
CA PRO A 204 -7.48 -15.17 4.93
C PRO A 204 -6.14 -14.46 4.68
N LYS A 205 -6.16 -13.16 4.39
CA LYS A 205 -4.92 -12.42 4.10
C LYS A 205 -4.70 -11.28 5.07
N ARG A 206 -3.48 -10.77 5.09
CA ARG A 206 -3.11 -9.68 5.97
C ARG A 206 -3.72 -8.35 5.51
N ILE A 207 -3.95 -8.24 4.20
CA ILE A 207 -4.53 -7.02 3.63
C ILE A 207 -5.64 -7.38 2.67
N HIS A 208 -6.63 -6.48 2.57
CA HIS A 208 -7.73 -6.68 1.65
C HIS A 208 -7.21 -6.30 0.26
N HIS A 209 -6.53 -5.17 0.14
CA HIS A 209 -5.99 -4.75 -1.16
C HIS A 209 -4.91 -3.71 -0.97
N PHE A 210 -4.13 -3.49 -2.02
CA PHE A 210 -3.12 -2.42 -2.04
C PHE A 210 -3.54 -1.63 -3.28
N MET A 211 -3.21 -0.36 -3.33
CA MET A 211 -3.65 0.47 -4.44
C MET A 211 -2.51 1.20 -5.09
N LEU A 212 -2.59 1.36 -6.40
CA LEU A 212 -1.61 2.11 -7.18
C LEU A 212 -2.46 3.14 -7.92
N GLU A 213 -1.98 4.38 -7.95
CA GLU A 213 -2.71 5.45 -8.62
C GLU A 213 -1.98 5.90 -9.88
N VAL A 214 -2.71 5.99 -10.99
CA VAL A 214 -2.16 6.40 -12.29
C VAL A 214 -2.58 7.82 -12.67
N ALA A 215 -1.92 8.36 -13.69
CA ALA A 215 -2.17 9.74 -14.11
C ALA A 215 -3.40 10.07 -14.96
N SER A 216 -3.95 9.11 -15.70
CA SER A 216 -5.12 9.43 -16.50
C SER A 216 -6.19 8.35 -16.50
N LEU A 217 -7.41 8.72 -16.87
CA LEU A 217 -8.52 7.79 -16.94
C LEU A 217 -8.20 6.68 -17.94
N ASP A 218 -7.58 7.02 -19.06
CA ASP A 218 -7.25 6.00 -20.05
C ASP A 218 -6.31 4.92 -19.51
N ASP A 219 -5.40 5.31 -18.60
CA ASP A 219 -4.49 4.33 -18.00
C ASP A 219 -5.34 3.26 -17.33
N VAL A 220 -6.37 3.69 -16.62
CA VAL A 220 -7.27 2.78 -15.93
C VAL A 220 -8.10 1.96 -16.92
N GLY A 221 -8.66 2.62 -17.93
CA GLY A 221 -9.47 1.95 -18.93
C GLY A 221 -8.72 0.89 -19.70
N PHE A 222 -7.51 1.21 -20.15
CA PHE A 222 -6.70 0.23 -20.86
C PHE A 222 -6.31 -0.95 -19.97
N ALA A 223 -5.88 -0.66 -18.74
CA ALA A 223 -5.49 -1.72 -17.80
C ALA A 223 -6.67 -2.64 -17.50
N PHE A 224 -7.88 -2.07 -17.38
CA PHE A 224 -9.07 -2.86 -17.10
C PHE A 224 -9.23 -3.95 -18.16
N ASP A 225 -9.13 -3.57 -19.43
CA ASP A 225 -9.27 -4.54 -20.52
C ASP A 225 -8.18 -5.59 -20.50
N ARG A 226 -6.95 -5.19 -20.17
CA ARG A 226 -5.82 -6.14 -20.10
C ARG A 226 -6.07 -7.21 -19.05
N VAL A 227 -6.58 -6.78 -17.90
CA VAL A 227 -6.87 -7.65 -16.77
C VAL A 227 -8.13 -8.49 -17.03
N ASP A 228 -9.15 -7.84 -17.59
CA ASP A 228 -10.41 -8.48 -17.91
C ASP A 228 -10.21 -9.61 -18.93
N ALA A 229 -9.23 -9.46 -19.82
CA ALA A 229 -8.95 -10.48 -20.80
C ALA A 229 -8.61 -11.82 -20.15
N ASP A 230 -8.05 -11.77 -18.94
CA ASP A 230 -7.69 -12.99 -18.23
C ASP A 230 -8.70 -13.37 -17.16
N GLY A 231 -9.82 -12.67 -17.13
CA GLY A 231 -10.87 -12.95 -16.17
C GLY A 231 -10.49 -12.67 -14.73
N LEU A 232 -9.63 -11.68 -14.49
CA LEU A 232 -9.15 -11.33 -13.15
C LEU A 232 -9.84 -10.16 -12.44
N ILE A 233 -10.80 -9.52 -13.10
CA ILE A 233 -11.53 -8.39 -12.51
C ILE A 233 -12.41 -8.90 -11.36
N THR A 234 -12.38 -8.19 -10.24
CA THR A 234 -13.21 -8.56 -9.10
C THR A 234 -14.28 -7.51 -8.82
N SER A 235 -14.07 -6.30 -9.34
CA SER A 235 -15.01 -5.22 -9.12
C SER A 235 -14.92 -4.25 -10.28
N THR A 236 -16.06 -3.96 -10.89
CA THR A 236 -16.12 -3.06 -12.03
C THR A 236 -15.70 -1.62 -11.65
N LEU A 237 -15.52 -0.78 -12.66
CA LEU A 237 -15.15 0.61 -12.43
C LEU A 237 -16.18 1.28 -11.54
N GLY A 238 -15.71 2.12 -10.63
CA GLY A 238 -16.61 2.83 -9.74
C GLY A 238 -15.83 3.95 -9.07
N ARG A 239 -16.52 4.74 -8.26
CA ARG A 239 -15.85 5.80 -7.55
C ARG A 239 -16.17 5.67 -6.08
N HIS A 240 -15.14 5.72 -5.22
CA HIS A 240 -15.34 5.62 -3.77
C HIS A 240 -15.89 6.91 -3.18
N THR A 241 -16.66 6.74 -2.11
CA THR A 241 -17.30 7.85 -1.41
C THR A 241 -16.36 8.71 -0.60
N ASN A 242 -15.29 8.11 -0.08
CA ASN A 242 -14.39 8.88 0.77
C ASN A 242 -13.17 9.51 0.10
N ASP A 243 -12.38 8.72 -0.63
CA ASP A 243 -11.22 9.28 -1.31
C ASP A 243 -11.54 9.73 -2.75
N HIS A 244 -12.75 9.42 -3.19
CA HIS A 244 -13.23 9.77 -4.55
C HIS A 244 -12.39 9.18 -5.68
N MET A 245 -11.70 8.09 -5.37
CA MET A 245 -10.87 7.39 -6.36
C MET A 245 -11.77 6.66 -7.35
N VAL A 246 -11.48 6.80 -8.64
CA VAL A 246 -12.19 6.09 -9.71
C VAL A 246 -11.28 4.89 -9.93
N SER A 247 -11.78 3.68 -9.71
CA SER A 247 -10.92 2.50 -9.82
C SER A 247 -11.66 1.22 -10.08
N PHE A 248 -10.89 0.16 -10.35
CA PHE A 248 -11.44 -1.18 -10.49
C PHE A 248 -10.53 -2.02 -9.59
N TYR A 249 -11.00 -3.22 -9.22
CA TYR A 249 -10.21 -4.12 -8.38
C TYR A 249 -9.97 -5.39 -9.18
N ALA A 250 -8.81 -6.01 -8.95
CA ALA A 250 -8.48 -7.23 -9.65
C ALA A 250 -7.76 -8.16 -8.71
N SER A 251 -7.72 -9.42 -9.07
CA SER A 251 -7.05 -10.40 -8.23
C SER A 251 -5.61 -10.64 -8.69
N THR A 252 -4.67 -10.57 -7.75
CA THR A 252 -3.26 -10.84 -8.05
C THR A 252 -3.10 -12.35 -7.99
N PRO A 253 -1.94 -12.89 -8.40
CA PRO A 253 -1.77 -14.34 -8.35
C PRO A 253 -1.85 -14.92 -6.93
N SER A 254 -1.67 -14.08 -5.91
CA SER A 254 -1.74 -14.54 -4.53
C SER A 254 -3.15 -14.47 -3.92
N GLY A 255 -4.13 -13.97 -4.67
CA GLY A 255 -5.47 -13.87 -4.12
C GLY A 255 -5.73 -12.51 -3.52
N VAL A 256 -4.67 -11.85 -3.05
CA VAL A 256 -4.74 -10.50 -2.51
C VAL A 256 -5.22 -9.63 -3.67
N GLU A 257 -6.08 -8.65 -3.43
CA GLU A 257 -6.54 -7.81 -4.51
C GLU A 257 -5.73 -6.53 -4.70
N VAL A 258 -5.76 -6.00 -5.91
CA VAL A 258 -5.08 -4.75 -6.20
C VAL A 258 -6.14 -3.80 -6.73
N GLU A 259 -6.05 -2.55 -6.32
CA GLU A 259 -6.97 -1.51 -6.76
C GLU A 259 -6.09 -0.62 -7.65
N TYR A 260 -6.60 -0.30 -8.84
CA TYR A 260 -5.88 0.51 -9.82
C TYR A 260 -6.79 1.72 -10.07
N GLY A 261 -6.38 2.88 -9.58
CA GLY A 261 -7.26 4.04 -9.69
C GLY A 261 -6.69 5.34 -10.20
N TRP A 262 -7.57 6.32 -10.25
CA TRP A 262 -7.24 7.62 -10.77
C TRP A 262 -8.15 8.69 -10.16
N SER A 263 -7.62 9.90 -10.06
CA SER A 263 -8.37 11.07 -9.61
C SER A 263 -8.86 11.12 -8.16
N ALA A 264 -8.08 10.58 -7.24
CA ALA A 264 -8.47 10.62 -5.83
C ALA A 264 -8.32 12.05 -5.32
N ARG A 265 -9.11 12.45 -4.33
CA ARG A 265 -9.00 13.79 -3.75
C ARG A 265 -7.99 13.69 -2.59
N THR A 266 -7.43 14.83 -2.20
CA THR A 266 -6.46 14.85 -1.12
C THR A 266 -7.01 15.46 0.15
N VAL A 267 -6.29 15.25 1.24
CA VAL A 267 -6.68 15.76 2.53
C VAL A 267 -5.92 17.06 2.77
N ASP A 268 -6.65 18.10 3.17
CA ASP A 268 -6.04 19.40 3.44
C ASP A 268 -6.09 19.73 4.94
N ARG A 269 -5.70 20.95 5.28
CA ARG A 269 -5.67 21.39 6.67
C ARG A 269 -7.05 21.62 7.24
N SER A 270 -8.02 21.94 6.40
CA SER A 270 -9.36 22.16 6.91
C SER A 270 -10.20 20.87 6.92
N TRP A 271 -9.56 19.74 6.69
CA TRP A 271 -10.25 18.46 6.68
C TRP A 271 -10.92 18.16 8.03
N VAL A 272 -12.09 17.53 8.00
CA VAL A 272 -12.77 17.14 9.24
C VAL A 272 -13.20 15.68 9.08
N VAL A 273 -13.15 14.92 10.17
CA VAL A 273 -13.54 13.52 10.15
C VAL A 273 -15.05 13.41 9.89
N VAL A 274 -15.44 12.49 9.02
CA VAL A 274 -16.84 12.27 8.72
C VAL A 274 -17.06 10.76 8.65
N ARG A 275 -18.31 10.34 8.54
CA ARG A 275 -18.64 8.93 8.40
C ARG A 275 -19.51 8.70 7.15
N HIS A 276 -19.46 7.48 6.63
CA HIS A 276 -20.21 7.10 5.45
C HIS A 276 -20.86 5.77 5.72
N ASP A 277 -21.96 5.52 5.04
CA ASP A 277 -22.65 4.24 5.17
C ASP A 277 -22.43 3.36 3.94
N SER A 278 -21.81 3.91 2.90
CA SER A 278 -21.53 3.18 1.66
C SER A 278 -20.09 3.44 1.23
N PRO A 279 -19.43 2.41 0.67
CA PRO A 279 -18.04 2.60 0.23
C PRO A 279 -17.93 3.19 -1.17
N SER A 280 -18.99 3.15 -1.96
CA SER A 280 -18.94 3.67 -3.32
C SER A 280 -20.11 4.53 -3.71
N MET A 281 -19.83 5.58 -4.49
CA MET A 281 -20.85 6.50 -5.02
C MET A 281 -21.59 5.82 -6.17
N TRP A 282 -20.80 5.23 -7.07
CA TRP A 282 -21.34 4.48 -8.22
C TRP A 282 -20.35 3.41 -8.67
N GLY A 283 -20.84 2.43 -9.40
CA GLY A 283 -20.01 1.36 -9.91
C GLY A 283 -19.48 0.42 -8.84
N HIS A 284 -18.31 -0.14 -9.08
CA HIS A 284 -17.71 -1.09 -8.15
C HIS A 284 -18.64 -2.27 -7.87
N LYS A 285 -19.24 -2.78 -8.94
CA LYS A 285 -20.14 -3.92 -8.88
C LYS A 285 -19.25 -5.14 -8.72
N SER A 286 -19.51 -5.92 -7.68
CA SER A 286 -18.74 -7.12 -7.42
C SER A 286 -18.95 -8.17 -8.51
N VAL A 287 -17.86 -8.67 -9.06
CA VAL A 287 -17.92 -9.67 -10.11
C VAL A 287 -17.05 -10.89 -9.74
N ARG A 288 -16.62 -11.01 -8.56
#